data_8F8U
#
_entry.id   8F8U
#
_cell.length_a   99.910
_cell.length_b   155.740
_cell.length_c   58.750
_cell.angle_alpha   90.00
_cell.angle_beta   90.00
_cell.angle_gamma   90.00
#
_symmetry.space_group_name_H-M   'P 21 21 2'
#
loop_
_entity.id
_entity.type
_entity.pdbx_description
1 polymer 'Bifunctional ligase/repressor BirA'
2 non-polymer IMIDAZOLE
3 water water
#
_entity_poly.entity_id   1
_entity_poly.type   'polypeptide(L)'
_entity_poly.pdbx_seq_one_letter_code
;MAHHHHHHMKDHTIPLTLISILADGEFHSGEQLGEQLGMSRAAINKHIQTLRDWGVDVFTVPGKGYSLPEPIHLLDEKKI
SQEIDHGRVTVLPVIDSTNQYLLDRLDELTSGDACVAEYQQAGRGRRGRKWFSPFGANLYLSMYWRLEQGPAAAIGLSLV
IGIVIAEVLQQLGAEQVRVKWPNDIYLQDRKLSGILVELTGKTGDAAQIVSGAGINLVMRRVESDVVNQGWISLQEAGVV
IDRNLLAARLIKELRLGLELFEQEGLAPYLPRWEKLDNFIHRPVKLIIGDKEIYGISRGIDAQGALLLEQDGVIKAWVGG
EISLRSAE
;
_entity_poly.pdbx_strand_id   A,B
#
# COMPACT_ATOMS: atom_id res chain seq x y z
N MET A 9 -19.26 -20.71 -4.88
CA MET A 9 -17.89 -20.39 -5.28
C MET A 9 -16.97 -21.59 -5.09
N LYS A 10 -16.43 -22.11 -6.18
CA LYS A 10 -15.55 -23.26 -6.10
C LYS A 10 -14.23 -22.88 -5.45
N ASP A 11 -13.67 -23.85 -4.73
CA ASP A 11 -12.39 -23.70 -4.04
C ASP A 11 -11.30 -24.34 -4.88
N HIS A 12 -10.19 -23.62 -5.08
CA HIS A 12 -9.12 -24.09 -5.95
C HIS A 12 -7.77 -24.16 -5.23
N THR A 13 -7.76 -24.10 -3.89
CA THR A 13 -6.50 -24.10 -3.17
C THR A 13 -5.71 -25.39 -3.43
N ILE A 14 -6.38 -26.53 -3.38
CA ILE A 14 -5.68 -27.81 -3.51
C ILE A 14 -4.97 -27.93 -4.86
N PRO A 15 -5.62 -27.71 -6.01
CA PRO A 15 -4.86 -27.72 -7.27
C PRO A 15 -3.81 -26.61 -7.33
N LEU A 16 -4.08 -25.46 -6.72
CA LEU A 16 -3.11 -24.36 -6.75
C LEU A 16 -1.86 -24.70 -5.94
N THR A 17 -2.03 -25.32 -4.76
CA THR A 17 -0.87 -25.73 -3.98
C THR A 17 -0.06 -26.80 -4.71
N LEU A 18 -0.73 -27.58 -5.53
CA LEU A 18 0.04 -28.58 -6.33
C LEU A 18 0.96 -27.85 -7.29
N ILE A 19 0.40 -27.01 -8.16
CA ILE A 19 1.22 -26.35 -9.17
C ILE A 19 2.29 -25.48 -8.52
N SER A 20 1.99 -24.87 -7.37
CA SER A 20 2.98 -24.05 -6.69
C SER A 20 4.22 -24.86 -6.31
N ILE A 21 4.03 -26.09 -5.84
CA ILE A 21 5.17 -26.95 -5.56
C ILE A 21 5.94 -27.26 -6.84
N LEU A 22 5.21 -27.54 -7.92
CA LEU A 22 5.81 -27.91 -9.19
C LEU A 22 6.52 -26.74 -9.89
N ALA A 23 6.40 -25.52 -9.36
CA ALA A 23 6.95 -24.35 -10.02
C ALA A 23 8.46 -24.42 -10.23
N ASP A 24 9.13 -25.44 -9.68
CA ASP A 24 10.53 -25.65 -10.01
C ASP A 24 10.75 -25.87 -11.50
N GLY A 25 9.75 -26.41 -12.19
CA GLY A 25 9.95 -27.00 -13.50
C GLY A 25 10.60 -28.36 -13.46
N GLU A 26 10.84 -28.90 -12.27
CA GLU A 26 11.50 -30.18 -12.09
C GLU A 26 10.47 -31.30 -11.97
N PHE A 27 10.96 -32.52 -11.77
CA PHE A 27 10.11 -33.69 -11.67
C PHE A 27 9.78 -34.00 -10.21
N HIS A 28 8.54 -34.44 -10.00
CA HIS A 28 8.07 -34.83 -8.68
C HIS A 28 7.25 -36.11 -8.82
N SER A 29 7.68 -37.20 -8.19
CA SER A 29 6.91 -38.43 -8.28
C SER A 29 5.59 -38.30 -7.52
N GLY A 30 4.71 -39.28 -7.73
CA GLY A 30 3.39 -39.22 -7.11
C GLY A 30 3.42 -39.16 -5.60
N GLU A 31 4.22 -40.01 -4.97
CA GLU A 31 4.26 -40.04 -3.50
C GLU A 31 4.80 -38.74 -2.95
N GLN A 32 5.81 -38.18 -3.62
CA GLN A 32 6.51 -37.02 -3.08
C GLN A 32 5.53 -35.87 -2.87
N LEU A 33 4.66 -35.65 -3.87
CA LEU A 33 3.58 -34.66 -3.76
C LEU A 33 2.50 -35.14 -2.80
N GLY A 34 2.18 -36.44 -2.82
CA GLY A 34 1.20 -36.97 -1.91
C GLY A 34 1.60 -36.83 -0.45
N GLU A 35 2.90 -36.73 -0.18
CA GLU A 35 3.35 -36.44 1.17
C GLU A 35 3.01 -35.00 1.57
N GLN A 36 3.44 -34.04 0.75
CA GLN A 36 3.28 -32.63 1.11
C GLN A 36 1.81 -32.25 1.23
N LEU A 37 0.99 -32.64 0.25
CA LEU A 37 -0.42 -32.28 0.27
C LEU A 37 -1.28 -33.24 1.10
N GLY A 38 -0.74 -34.40 1.47
CA GLY A 38 -1.47 -35.34 2.29
C GLY A 38 -2.70 -35.94 1.65
N MET A 39 -2.53 -36.63 0.51
CA MET A 39 -3.64 -37.28 -0.16
C MET A 39 -3.13 -38.52 -0.89
N SER A 40 -4.07 -39.26 -1.47
CA SER A 40 -3.75 -40.44 -2.26
C SER A 40 -3.18 -40.06 -3.62
N ARG A 41 -2.51 -41.04 -4.24
CA ARG A 41 -1.93 -40.81 -5.56
C ARG A 41 -3.00 -40.60 -6.64
N ALA A 42 -4.20 -41.14 -6.44
CA ALA A 42 -5.29 -40.84 -7.36
C ALA A 42 -5.76 -39.40 -7.19
N ALA A 43 -5.83 -38.92 -5.96
CA ALA A 43 -6.14 -37.51 -5.73
C ALA A 43 -5.12 -36.61 -6.40
N ILE A 44 -3.83 -37.01 -6.35
CA ILE A 44 -2.81 -36.27 -7.08
C ILE A 44 -3.11 -36.26 -8.56
N ASN A 45 -3.43 -37.44 -9.11
CA ASN A 45 -3.76 -37.52 -10.53
C ASN A 45 -5.01 -36.72 -10.87
N LYS A 46 -6.00 -36.73 -9.97
CA LYS A 46 -7.21 -35.94 -10.18
C LYS A 46 -6.88 -34.45 -10.29
N HIS A 47 -6.02 -33.94 -9.41
CA HIS A 47 -5.72 -32.52 -9.43
C HIS A 47 -4.78 -32.15 -10.56
N ILE A 48 -3.77 -32.99 -10.83
CA ILE A 48 -2.89 -32.77 -11.96
C ILE A 48 -3.68 -32.88 -13.26
N GLN A 49 -4.78 -33.63 -13.26
CA GLN A 49 -5.69 -33.61 -14.39
C GLN A 49 -6.32 -32.24 -14.57
N THR A 50 -6.85 -31.68 -13.48
CA THR A 50 -7.42 -30.34 -13.53
C THR A 50 -6.38 -29.31 -13.95
N LEU A 51 -5.10 -29.54 -13.63
CA LEU A 51 -4.04 -28.69 -14.15
C LEU A 51 -3.99 -28.76 -15.67
N ARG A 52 -4.01 -29.98 -16.22
CA ARG A 52 -4.09 -30.13 -17.67
C ARG A 52 -5.38 -29.53 -18.21
N ASP A 53 -6.47 -29.64 -17.44
CA ASP A 53 -7.73 -29.03 -17.83
C ASP A 53 -7.61 -27.51 -17.92
N TRP A 54 -6.87 -26.90 -16.99
CA TRP A 54 -6.67 -25.46 -17.03
C TRP A 54 -5.76 -25.02 -18.17
N GLY A 55 -5.15 -25.94 -18.89
CA GLY A 55 -4.20 -25.62 -19.93
C GLY A 55 -2.75 -25.72 -19.52
N VAL A 56 -2.48 -26.10 -18.27
CA VAL A 56 -1.10 -26.28 -17.82
C VAL A 56 -0.52 -27.51 -18.50
N ASP A 57 0.57 -27.33 -19.24
CA ASP A 57 1.19 -28.43 -19.98
C ASP A 57 2.09 -29.22 -19.04
N VAL A 58 1.48 -30.05 -18.22
CA VAL A 58 2.21 -30.98 -17.36
C VAL A 58 2.28 -32.35 -18.04
N PHE A 59 3.49 -32.81 -18.30
CA PHE A 59 3.75 -34.07 -18.98
C PHE A 59 4.17 -35.12 -17.96
N THR A 60 3.54 -36.30 -18.02
CA THR A 60 3.72 -37.37 -17.03
C THR A 60 4.52 -38.52 -17.63
N VAL A 61 5.64 -38.85 -16.98
CA VAL A 61 6.54 -39.95 -17.31
C VAL A 61 6.37 -41.00 -16.20
N PRO A 62 6.30 -42.34 -16.50
CA PRO A 62 5.95 -43.26 -15.40
C PRO A 62 6.86 -43.25 -14.18
N GLY A 63 8.15 -43.51 -14.42
CA GLY A 63 9.06 -43.62 -13.30
C GLY A 63 9.30 -42.32 -12.59
N LYS A 64 9.49 -41.23 -13.35
CA LYS A 64 9.93 -40.00 -12.70
C LYS A 64 8.75 -39.24 -12.11
N GLY A 65 7.64 -39.15 -12.84
CA GLY A 65 6.44 -38.48 -12.35
C GLY A 65 6.00 -37.36 -13.29
N TYR A 66 5.50 -36.28 -12.69
CA TYR A 66 4.96 -35.14 -13.41
C TYR A 66 5.95 -33.98 -13.41
N SER A 67 5.85 -33.12 -14.42
CA SER A 67 6.71 -31.95 -14.49
C SER A 67 6.13 -30.91 -15.44
N LEU A 68 6.66 -29.68 -15.30
CA LEU A 68 6.43 -28.53 -16.16
C LEU A 68 7.67 -28.21 -16.97
N PRO A 69 7.53 -28.01 -18.28
CA PRO A 69 8.71 -27.77 -19.14
C PRO A 69 9.55 -26.58 -18.71
N GLU A 70 8.96 -25.39 -18.65
CA GLU A 70 9.65 -24.21 -18.14
C GLU A 70 9.17 -23.85 -16.75
N PRO A 71 10.07 -23.53 -15.81
CA PRO A 71 9.60 -23.09 -14.49
C PRO A 71 8.76 -21.83 -14.62
N ILE A 72 7.71 -21.74 -13.81
CA ILE A 72 6.77 -20.64 -13.88
C ILE A 72 6.75 -19.87 -12.56
N HIS A 73 6.51 -18.56 -12.67
CA HIS A 73 6.27 -17.70 -11.53
C HIS A 73 4.76 -17.48 -11.40
N LEU A 74 4.23 -17.69 -10.20
CA LEU A 74 2.80 -17.61 -9.95
C LEU A 74 2.43 -16.31 -9.25
N LEU A 75 1.16 -15.94 -9.39
CA LEU A 75 0.62 -14.79 -8.66
C LEU A 75 0.60 -15.09 -7.17
N ASP A 76 1.20 -14.21 -6.39
CA ASP A 76 1.21 -14.33 -4.94
C ASP A 76 0.72 -13.01 -4.35
N GLU A 77 -0.30 -13.09 -3.48
CA GLU A 77 -0.78 -11.89 -2.80
C GLU A 77 0.34 -11.20 -2.03
N LYS A 78 1.13 -11.97 -1.29
CA LYS A 78 2.19 -11.40 -0.46
C LYS A 78 3.26 -10.74 -1.32
N LYS A 79 3.67 -11.38 -2.41
CA LYS A 79 4.63 -10.77 -3.31
C LYS A 79 4.11 -9.47 -3.88
N ILE A 80 2.83 -9.45 -4.29
CA ILE A 80 2.24 -8.25 -4.87
C ILE A 80 2.18 -7.13 -3.84
N SER A 81 1.65 -7.43 -2.64
CA SER A 81 1.44 -6.39 -1.64
C SER A 81 2.76 -5.79 -1.15
N GLN A 82 3.84 -6.58 -1.15
CA GLN A 82 5.14 -6.05 -0.74
C GLN A 82 5.59 -4.93 -1.66
N GLU A 83 5.34 -5.06 -2.96
CA GLU A 83 5.77 -4.03 -3.90
C GLU A 83 4.87 -2.81 -3.87
N ILE A 84 3.60 -2.96 -3.49
CA ILE A 84 2.71 -1.81 -3.41
C ILE A 84 2.99 -0.98 -2.16
N ASP A 85 3.19 -1.64 -1.01
CA ASP A 85 3.27 -0.93 0.27
C ASP A 85 4.68 -0.79 0.80
N HIS A 86 5.62 -1.66 0.40
CA HIS A 86 6.95 -1.74 0.99
C HIS A 86 6.87 -1.99 2.49
N GLY A 87 6.29 -3.13 2.84
CA GLY A 87 6.17 -3.53 4.24
C GLY A 87 4.74 -3.75 4.70
N ARG A 88 4.57 -4.55 5.75
CA ARG A 88 3.27 -4.85 6.31
C ARG A 88 3.02 -4.00 7.56
N VAL A 89 1.80 -4.11 8.08
CA VAL A 89 1.41 -3.41 9.30
C VAL A 89 0.64 -4.37 10.19
N THR A 90 1.16 -4.62 11.39
CA THR A 90 0.44 -5.39 12.41
C THR A 90 0.03 -4.42 13.50
N VAL A 91 -1.29 -4.37 13.74
CA VAL A 91 -1.88 -3.44 14.74
C VAL A 91 -2.39 -4.22 15.93
N LEU A 92 -1.83 -3.96 17.11
CA LEU A 92 -2.25 -4.57 18.36
C LEU A 92 -2.58 -3.43 19.31
N PRO A 93 -3.86 -3.04 19.40
CA PRO A 93 -4.20 -1.81 20.16
C PRO A 93 -3.62 -1.76 21.56
N VAL A 94 -3.52 -2.90 22.24
CA VAL A 94 -2.81 -3.01 23.52
C VAL A 94 -1.58 -3.88 23.29
N ILE A 95 -0.42 -3.41 23.76
CA ILE A 95 0.86 -4.07 23.51
C ILE A 95 1.77 -3.74 24.68
N ASP A 96 2.89 -4.47 24.79
CA ASP A 96 3.92 -4.12 25.75
C ASP A 96 4.84 -3.02 25.22
N SER A 97 5.40 -3.21 24.03
CA SER A 97 6.24 -2.19 23.40
C SER A 97 6.27 -2.43 21.90
N THR A 98 5.88 -1.41 21.12
CA THR A 98 5.94 -1.53 19.66
C THR A 98 7.35 -1.86 19.19
N ASN A 99 8.35 -1.28 19.85
CA ASN A 99 9.75 -1.57 19.48
C ASN A 99 10.06 -3.03 19.77
N GLN A 100 9.61 -3.55 20.92
CA GLN A 100 9.94 -4.92 21.30
C GLN A 100 9.30 -5.94 20.37
N TYR A 101 8.06 -5.70 19.95
CA TYR A 101 7.39 -6.62 19.04
C TYR A 101 8.22 -6.87 17.79
N LEU A 102 8.75 -5.81 17.19
CA LEU A 102 9.58 -5.96 15.99
C LEU A 102 10.92 -6.60 16.33
N LEU A 103 11.55 -6.18 17.43
CA LEU A 103 12.86 -6.71 17.79
C LEU A 103 12.82 -8.23 17.97
N ASP A 104 11.71 -8.75 18.49
CA ASP A 104 11.52 -10.18 18.66
C ASP A 104 11.19 -10.91 17.36
N ARG A 105 11.20 -10.21 16.21
CA ARG A 105 10.76 -10.84 14.97
C ARG A 105 11.66 -10.49 13.78
N LEU A 106 12.90 -10.08 14.03
CA LEU A 106 13.81 -9.61 12.99
C LEU A 106 14.05 -10.63 11.88
N ASP A 107 13.96 -11.91 12.20
CA ASP A 107 14.34 -12.95 11.25
C ASP A 107 13.47 -12.88 10.00
N GLU A 108 12.18 -12.55 10.19
CA GLU A 108 11.21 -12.59 9.06
C GLU A 108 10.64 -11.20 8.79
N LEU A 109 11.32 -10.16 9.24
CA LEU A 109 10.92 -8.77 9.02
C LEU A 109 11.62 -8.19 7.80
N THR A 110 10.91 -7.30 7.09
CA THR A 110 11.45 -6.62 5.92
C THR A 110 11.28 -5.12 6.08
N SER A 111 12.17 -4.38 5.43
CA SER A 111 12.18 -2.92 5.56
C SER A 111 10.80 -2.34 5.24
N GLY A 112 10.29 -1.53 6.17
CA GLY A 112 8.97 -0.95 6.06
C GLY A 112 7.92 -1.60 6.94
N ASP A 113 8.18 -2.81 7.44
CA ASP A 113 7.24 -3.45 8.35
C ASP A 113 7.02 -2.58 9.57
N ALA A 114 5.76 -2.45 9.99
CA ALA A 114 5.39 -1.51 11.04
C ALA A 114 4.46 -2.18 12.04
N CYS A 115 4.44 -1.60 13.25
CA CYS A 115 3.58 -2.08 14.33
C CYS A 115 2.97 -0.86 15.02
N VAL A 116 1.66 -0.89 15.20
CA VAL A 116 0.89 0.27 15.67
C VAL A 116 0.10 -0.12 16.92
N ALA A 117 0.04 0.80 17.88
CA ALA A 117 -0.69 0.55 19.11
C ALA A 117 -1.06 1.88 19.76
N GLU A 118 -2.02 1.81 20.69
CA GLU A 118 -2.47 2.97 21.44
C GLU A 118 -2.36 2.78 22.95
N TYR A 119 -1.69 1.72 23.42
CA TYR A 119 -1.46 1.54 24.85
C TYR A 119 -0.28 0.61 25.03
N GLN A 120 0.77 1.11 25.67
CA GLN A 120 2.00 0.34 25.91
C GLN A 120 2.06 -0.01 27.39
N GLN A 121 1.98 -1.30 27.69
CA GLN A 121 2.00 -1.73 29.09
C GLN A 121 3.40 -1.62 29.67
N ALA A 122 4.43 -1.71 28.84
CA ALA A 122 5.80 -1.58 29.30
C ALA A 122 6.29 -0.14 29.15
N SER A 133 0.36 6.32 31.55
CA SER A 133 -0.17 6.83 30.29
C SER A 133 -1.35 5.98 29.82
N PRO A 134 -2.55 6.55 29.82
CA PRO A 134 -3.77 5.76 29.66
C PRO A 134 -4.00 5.30 28.23
N PHE A 135 -5.00 4.42 28.09
CA PHE A 135 -5.36 3.84 26.80
C PHE A 135 -5.80 4.93 25.83
N GLY A 136 -5.33 4.82 24.59
CA GLY A 136 -5.68 5.77 23.55
C GLY A 136 -5.11 7.16 23.71
N ALA A 137 -4.45 7.46 24.84
CA ALA A 137 -3.87 8.78 25.04
C ALA A 137 -2.68 9.00 24.10
N ASN A 138 -1.98 7.94 23.72
CA ASN A 138 -0.79 8.05 22.90
C ASN A 138 -0.89 7.11 21.71
N LEU A 139 -0.24 7.50 20.61
CA LEU A 139 -0.06 6.63 19.46
C LEU A 139 1.35 6.07 19.47
N TYR A 140 1.47 4.75 19.40
CA TYR A 140 2.75 4.07 19.44
C TYR A 140 2.99 3.39 18.10
N LEU A 141 4.09 3.74 17.45
CA LEU A 141 4.40 3.26 16.12
C LEU A 141 5.87 2.89 16.05
N SER A 142 6.17 1.73 15.47
CA SER A 142 7.54 1.30 15.27
C SER A 142 7.67 0.72 13.86
N MET A 143 8.85 0.89 13.27
CA MET A 143 9.10 0.36 11.94
C MET A 143 10.50 -0.23 11.87
N TYR A 144 10.61 -1.37 11.20
CA TYR A 144 11.89 -2.02 10.95
C TYR A 144 12.46 -1.50 9.64
N TRP A 145 13.79 -1.45 9.58
CA TRP A 145 14.46 -1.11 8.34
C TRP A 145 15.83 -1.79 8.30
N ARG A 146 16.17 -2.32 7.14
CA ARG A 146 17.43 -2.99 6.90
C ARG A 146 18.26 -2.12 5.97
N LEU A 147 19.45 -1.73 6.42
CA LEU A 147 20.39 -0.98 5.60
C LEU A 147 21.45 -1.92 5.08
N GLU A 148 21.55 -2.03 3.75
CA GLU A 148 22.56 -2.89 3.14
C GLU A 148 23.96 -2.49 3.58
N GLN A 149 24.27 -1.20 3.48
CA GLN A 149 25.50 -0.68 4.09
C GLN A 149 25.47 -0.99 5.59
N GLY A 150 26.66 -1.13 6.17
CA GLY A 150 26.78 -1.50 7.56
C GLY A 150 26.12 -0.50 8.50
N PRO A 151 26.31 -0.70 9.80
CA PRO A 151 25.70 0.22 10.78
C PRO A 151 25.99 1.69 10.54
N ALA A 152 27.10 2.00 9.87
CA ALA A 152 27.49 3.38 9.61
C ALA A 152 26.47 4.14 8.77
N ALA A 153 25.62 3.44 8.01
CA ALA A 153 24.67 4.12 7.14
C ALA A 153 23.44 4.65 7.86
N ALA A 154 23.33 4.43 9.17
CA ALA A 154 22.18 4.89 9.96
C ALA A 154 22.54 6.08 10.84
N ILE A 155 23.43 6.93 10.34
CA ILE A 155 23.94 8.04 11.19
C ILE A 155 22.80 8.89 11.75
N GLY A 156 22.01 9.52 10.90
CA GLY A 156 20.99 10.45 11.37
C GLY A 156 19.60 9.88 11.29
N LEU A 157 19.49 8.56 11.32
CA LEU A 157 18.14 7.95 11.20
C LEU A 157 17.25 8.59 12.24
N SER A 158 17.67 8.58 13.51
CA SER A 158 16.81 9.12 14.55
C SER A 158 16.37 10.53 14.22
N LEU A 159 17.26 11.33 13.63
CA LEU A 159 16.84 12.62 13.10
C LEU A 159 15.79 12.42 12.00
N VAL A 160 16.09 11.55 11.03
CA VAL A 160 15.22 11.38 9.86
C VAL A 160 13.80 11.03 10.30
N ILE A 161 13.66 10.13 11.27
CA ILE A 161 12.35 9.86 11.83
C ILE A 161 11.72 11.15 12.35
N GLY A 162 12.52 11.98 13.01
CA GLY A 162 12.00 13.21 13.59
C GLY A 162 11.44 14.18 12.55
N ILE A 163 12.19 14.44 11.47
CA ILE A 163 11.66 15.35 10.45
C ILE A 163 10.40 14.77 9.83
N VAL A 164 10.43 13.49 9.47
CA VAL A 164 9.29 12.90 8.78
C VAL A 164 8.04 12.94 9.66
N ILE A 165 8.18 12.55 10.93
CA ILE A 165 7.03 12.55 11.83
C ILE A 165 6.54 13.98 12.04
N ALA A 166 7.47 14.92 12.28
CA ALA A 166 7.08 16.31 12.51
C ALA A 166 6.40 16.91 11.27
N GLU A 167 6.94 16.63 10.08
CA GLU A 167 6.34 17.16 8.85
C GLU A 167 4.92 16.64 8.70
N VAL A 168 4.72 15.37 9.01
CA VAL A 168 3.41 14.74 8.96
C VAL A 168 2.43 15.44 9.89
N LEU A 169 2.87 15.76 11.11
CA LEU A 169 2.03 16.52 12.02
C LEU A 169 1.72 17.90 11.48
N GLN A 170 2.69 18.53 10.81
CA GLN A 170 2.45 19.81 10.16
C GLN A 170 1.43 19.67 9.04
N GLN A 171 1.57 18.63 8.21
CA GLN A 171 0.62 18.39 7.13
C GLN A 171 -0.79 18.09 7.64
N LEU A 172 -0.96 17.86 8.96
CA LEU A 172 -2.25 17.52 9.55
C LEU A 172 -2.80 18.62 10.47
N GLY A 173 -2.25 19.83 10.41
CA GLY A 173 -2.77 20.97 11.14
C GLY A 173 -1.87 21.44 12.26
N ALA A 174 -1.13 20.52 12.87
CA ALA A 174 -0.17 20.90 13.90
C ALA A 174 1.04 21.54 13.24
N GLU A 175 0.87 22.77 12.74
CA GLU A 175 1.89 23.40 11.90
C GLU A 175 3.07 23.94 12.69
N GLN A 176 2.98 24.03 14.01
CA GLN A 176 4.04 24.62 14.81
C GLN A 176 4.88 23.60 15.57
N VAL A 177 4.80 22.32 15.20
CA VAL A 177 5.64 21.31 15.84
C VAL A 177 7.08 21.45 15.35
N ARG A 178 8.02 21.24 16.26
CA ARG A 178 9.45 21.34 15.99
C ARG A 178 10.12 20.05 16.43
N VAL A 179 11.43 19.96 16.20
CA VAL A 179 12.21 18.77 16.56
C VAL A 179 13.35 19.19 17.48
N LYS A 180 13.63 18.34 18.47
CA LYS A 180 14.76 18.52 19.36
C LYS A 180 15.82 17.48 19.03
N TRP A 181 17.05 17.94 18.83
CA TRP A 181 18.14 17.03 18.55
C TRP A 181 18.38 16.13 19.76
N PRO A 182 18.54 14.82 19.57
CA PRO A 182 18.43 14.10 18.30
C PRO A 182 17.20 13.21 18.15
N ASN A 183 16.33 13.08 19.16
CA ASN A 183 15.32 12.02 19.10
C ASN A 183 13.97 12.47 19.65
N ASP A 184 13.65 13.76 19.60
CA ASP A 184 12.41 14.23 20.21
C ASP A 184 11.68 15.21 19.31
N ILE A 185 10.35 15.14 19.36
CA ILE A 185 9.46 16.09 18.71
C ILE A 185 8.93 17.04 19.77
N TYR A 186 9.07 18.34 19.52
CA TYR A 186 8.70 19.36 20.49
C TYR A 186 7.61 20.26 19.92
N LEU A 187 6.72 20.72 20.80
CA LEU A 187 5.66 21.65 20.47
C LEU A 187 5.46 22.58 21.65
N GLN A 188 5.55 23.89 21.39
CA GLN A 188 5.54 24.91 22.44
C GLN A 188 6.62 24.61 23.48
N ASP A 189 7.83 24.35 22.98
CA ASP A 189 9.00 24.06 23.82
C ASP A 189 8.69 22.95 24.84
N ARG A 190 7.82 22.01 24.44
CA ARG A 190 7.43 20.91 25.31
C ARG A 190 7.40 19.62 24.49
N LYS A 191 7.72 18.51 25.15
CA LYS A 191 7.88 17.23 24.48
C LYS A 191 6.53 16.75 23.96
N LEU A 192 6.37 16.73 22.65
CA LEU A 192 5.17 16.17 22.03
C LEU A 192 5.34 14.70 21.69
N SER A 193 6.54 14.26 21.31
CA SER A 193 6.78 12.87 21.00
C SER A 193 8.24 12.53 21.22
N GLY A 194 8.50 11.28 21.61
CA GLY A 194 9.85 10.77 21.77
C GLY A 194 10.12 9.69 20.73
N ILE A 195 11.33 9.72 20.16
CA ILE A 195 11.78 8.74 19.19
C ILE A 195 12.84 7.85 19.84
N LEU A 196 12.74 6.55 19.60
CA LEU A 196 13.70 5.58 20.15
C LEU A 196 14.04 4.58 19.06
N VAL A 197 15.25 4.71 18.49
CA VAL A 197 15.72 3.83 17.43
C VAL A 197 16.74 2.87 18.03
N GLU A 198 16.56 1.57 17.75
CA GLU A 198 17.43 0.53 18.28
C GLU A 198 18.09 -0.20 17.11
N LEU A 199 19.41 -0.29 17.16
CA LEU A 199 20.19 -0.78 16.03
C LEU A 199 21.10 -1.92 16.48
N THR A 200 21.18 -2.96 15.65
CA THR A 200 22.11 -4.06 15.83
C THR A 200 22.95 -4.17 14.56
N GLY A 201 24.26 -4.30 14.73
CA GLY A 201 25.17 -4.27 13.60
C GLY A 201 26.24 -5.33 13.72
N LYS A 202 26.78 -5.71 12.55
CA LYS A 202 27.85 -6.68 12.44
C LYS A 202 28.62 -6.37 11.17
N THR A 203 29.96 -6.45 11.25
CA THR A 203 30.78 -6.16 10.09
C THR A 203 30.44 -7.13 8.96
N GLY A 204 30.26 -6.59 7.76
CA GLY A 204 29.89 -7.42 6.63
C GLY A 204 28.38 -7.52 6.49
N ASP A 205 27.72 -8.04 7.53
CA ASP A 205 26.27 -8.14 7.55
C ASP A 205 25.64 -6.75 7.47
N ALA A 206 24.35 -6.74 7.10
CA ALA A 206 23.60 -5.51 7.03
C ALA A 206 23.24 -5.01 8.42
N ALA A 207 22.73 -3.78 8.47
CA ALA A 207 22.29 -3.18 9.74
C ALA A 207 20.78 -3.29 9.86
N GLN A 208 20.31 -3.79 10.99
CA GLN A 208 18.89 -3.93 11.27
C GLN A 208 18.49 -2.90 12.32
N ILE A 209 17.55 -2.04 11.97
CA ILE A 209 17.12 -0.94 12.85
C ILE A 209 15.61 -1.02 13.02
N VAL A 210 15.17 -0.99 14.27
CA VAL A 210 13.76 -0.82 14.61
C VAL A 210 13.60 0.52 15.32
N SER A 211 13.02 1.46 14.58
CA SER A 211 12.80 2.82 15.12
C SER A 211 11.34 2.95 15.55
N GLY A 212 11.10 3.61 16.67
CA GLY A 212 9.75 3.76 17.18
C GLY A 212 9.56 5.13 17.81
N ALA A 213 8.28 5.49 17.98
CA ALA A 213 7.92 6.78 18.53
C ALA A 213 6.60 6.69 19.27
N GLY A 214 6.39 7.65 20.17
CA GLY A 214 5.13 7.78 20.88
C GLY A 214 4.62 9.22 20.88
N ILE A 215 3.41 9.43 20.37
CA ILE A 215 2.85 10.77 20.19
C ILE A 215 1.77 11.00 21.22
N ASN A 216 1.87 12.10 21.95
CA ASN A 216 0.86 12.47 22.95
C ASN A 216 -0.37 13.01 22.25
N LEU A 217 -1.46 12.26 22.28
CA LEU A 217 -2.68 12.65 21.59
C LEU A 217 -3.62 13.45 22.50
N VAL A 218 -3.81 12.96 23.72
CA VAL A 218 -4.76 13.59 24.67
C VAL A 218 -4.02 13.89 25.97
N MET A 219 -4.64 14.63 26.89
CA MET A 219 -4.05 14.92 28.19
C MET A 219 -4.47 13.87 29.21
N GLY A 230 5.85 20.28 31.22
CA GLY A 230 6.84 19.31 30.75
C GLY A 230 6.47 18.66 29.44
N TRP A 231 5.36 17.94 29.44
CA TRP A 231 4.87 17.23 28.26
C TRP A 231 3.65 17.95 27.71
N ILE A 232 3.42 17.81 26.40
CA ILE A 232 2.32 18.46 25.71
C ILE A 232 1.62 17.45 24.82
N SER A 233 0.33 17.68 24.57
CA SER A 233 -0.52 16.79 23.80
C SER A 233 -1.03 17.47 22.54
N LEU A 234 -1.41 16.63 21.56
CA LEU A 234 -1.91 17.14 20.29
C LEU A 234 -3.21 17.93 20.46
N GLN A 235 -4.13 17.42 21.28
CA GLN A 235 -5.39 18.13 21.49
C GLN A 235 -5.18 19.45 22.22
N GLU A 236 -4.19 19.52 23.12
CA GLU A 236 -3.90 20.77 23.81
C GLU A 236 -3.53 21.88 22.83
N ALA A 237 -2.97 21.51 21.68
CA ALA A 237 -2.62 22.47 20.63
C ALA A 237 -3.77 22.77 19.69
N GLY A 238 -4.96 22.25 19.98
CA GLY A 238 -6.10 22.48 19.11
C GLY A 238 -6.02 21.75 17.80
N VAL A 239 -5.34 20.61 17.76
CA VAL A 239 -5.23 19.80 16.55
C VAL A 239 -5.89 18.46 16.84
N VAL A 240 -6.88 18.11 16.01
CA VAL A 240 -7.60 16.85 16.12
C VAL A 240 -7.29 16.01 14.89
N ILE A 241 -6.88 14.77 15.12
CA ILE A 241 -6.57 13.84 14.04
C ILE A 241 -7.14 12.47 14.40
N ASP A 242 -7.82 11.84 13.46
CA ASP A 242 -8.24 10.45 13.67
C ASP A 242 -7.00 9.57 13.74
N ARG A 243 -6.96 8.69 14.74
CA ARG A 243 -5.74 7.94 15.03
C ARG A 243 -5.33 7.06 13.86
N ASN A 244 -6.31 6.43 13.20
CA ASN A 244 -5.98 5.62 12.03
C ASN A 244 -5.38 6.48 10.93
N LEU A 245 -5.90 7.70 10.74
CA LEU A 245 -5.36 8.59 9.73
C LEU A 245 -3.95 9.01 10.08
N LEU A 246 -3.71 9.42 11.33
CA LEU A 246 -2.35 9.78 11.74
C LEU A 246 -1.41 8.59 11.56
N ALA A 247 -1.85 7.40 11.97
CA ALA A 247 -0.99 6.22 11.88
C ALA A 247 -0.64 5.87 10.44
N ALA A 248 -1.65 5.76 9.58
CA ALA A 248 -1.44 5.31 8.19
C ALA A 248 -0.45 6.20 7.49
N ARG A 249 -0.71 7.50 7.59
CA ARG A 249 0.15 8.49 6.89
C ARG A 249 1.57 8.40 7.43
N LEU A 250 1.74 8.41 8.75
CA LEU A 250 3.12 8.33 9.21
C LEU A 250 3.84 7.13 8.60
N ILE A 251 3.20 5.96 8.60
CA ILE A 251 3.82 4.76 8.03
C ILE A 251 4.12 4.98 6.55
N LYS A 252 3.18 5.58 5.83
CA LYS A 252 3.40 5.95 4.43
C LYS A 252 4.61 6.87 4.29
N GLU A 253 4.56 8.02 4.97
CA GLU A 253 5.62 9.03 4.79
C GLU A 253 6.95 8.56 5.36
N LEU A 254 6.94 7.84 6.47
CA LEU A 254 8.19 7.33 7.03
C LEU A 254 8.83 6.31 6.10
N ARG A 255 8.03 5.43 5.50
CA ARG A 255 8.57 4.50 4.51
C ARG A 255 9.26 5.26 3.39
N LEU A 256 8.59 6.27 2.84
CA LEU A 256 9.19 7.06 1.75
C LEU A 256 10.45 7.77 2.22
N GLY A 257 10.42 8.34 3.43
CA GLY A 257 11.57 9.03 3.95
C GLY A 257 12.77 8.14 4.15
N LEU A 258 12.54 6.88 4.53
CA LEU A 258 13.65 5.96 4.78
C LEU A 258 14.28 5.46 3.48
N GLU A 259 13.48 5.24 2.43
CA GLU A 259 14.07 4.90 1.14
C GLU A 259 14.98 6.02 0.65
N LEU A 260 14.55 7.27 0.82
CA LEU A 260 15.39 8.41 0.51
C LEU A 260 16.69 8.36 1.30
N PHE A 261 16.58 8.17 2.63
CA PHE A 261 17.77 8.11 3.47
C PHE A 261 18.66 6.93 3.11
N GLU A 262 18.08 5.85 2.58
CA GLU A 262 18.86 4.67 2.26
C GLU A 262 19.80 4.93 1.08
N GLN A 263 19.34 5.69 0.08
CA GLN A 263 20.12 5.90 -1.13
C GLN A 263 20.77 7.27 -1.23
N GLU A 264 20.51 8.18 -0.28
CA GLU A 264 21.10 9.50 -0.31
C GLU A 264 21.69 9.97 1.02
N GLY A 265 21.35 9.32 2.14
CA GLY A 265 21.94 9.70 3.41
C GLY A 265 21.23 10.89 4.04
N LEU A 266 21.92 11.53 4.97
CA LEU A 266 21.38 12.70 5.65
C LEU A 266 21.33 13.92 4.75
N ALA A 267 22.01 13.90 3.60
CA ALA A 267 22.16 15.09 2.77
C ALA A 267 20.84 15.76 2.41
N PRO A 268 19.81 15.06 1.93
CA PRO A 268 18.56 15.76 1.60
C PRO A 268 17.84 16.35 2.81
N TYR A 269 18.13 15.87 4.02
CA TYR A 269 17.42 16.29 5.21
C TYR A 269 18.05 17.48 5.92
N LEU A 270 19.30 17.83 5.59
CA LEU A 270 19.93 18.98 6.21
C LEU A 270 19.12 20.26 6.03
N PRO A 271 18.67 20.63 4.82
CA PRO A 271 17.77 21.80 4.73
C PRO A 271 16.46 21.58 5.48
N ARG A 272 15.89 20.38 5.37
CA ARG A 272 14.65 20.09 6.08
C ARG A 272 14.83 20.12 7.58
N TRP A 273 16.01 19.77 8.09
CA TRP A 273 16.18 19.71 9.54
C TRP A 273 16.14 21.10 10.17
N GLU A 274 16.90 22.04 9.63
CA GLU A 274 17.00 23.38 10.23
C GLU A 274 15.64 24.04 10.34
N LYS A 275 14.77 23.86 9.33
CA LYS A 275 13.45 24.47 9.35
C LYS A 275 12.62 24.04 10.55
N LEU A 276 12.92 22.88 11.15
CA LEU A 276 12.16 22.38 12.29
C LEU A 276 12.96 22.30 13.58
N ASP A 277 14.23 22.68 13.58
CA ASP A 277 15.02 22.63 14.81
C ASP A 277 14.44 23.62 15.82
N ASN A 278 14.09 23.16 17.02
CA ASN A 278 13.42 24.05 18.01
C ASN A 278 14.45 24.87 18.78
N PHE A 279 15.69 24.42 18.85
CA PHE A 279 16.68 25.09 19.68
C PHE A 279 17.78 25.77 18.88
N ILE A 280 17.66 25.84 17.56
CA ILE A 280 18.70 26.44 16.73
C ILE A 280 18.78 27.93 17.02
N HIS A 281 20.02 28.44 17.12
CA HIS A 281 20.29 29.84 17.45
C HIS A 281 19.68 30.23 18.79
N ARG A 282 19.68 29.30 19.73
CA ARG A 282 19.15 29.50 21.07
C ARG A 282 20.11 28.87 22.07
N PRO A 283 20.15 29.37 23.31
CA PRO A 283 21.01 28.74 24.32
C PRO A 283 20.47 27.37 24.72
N VAL A 284 21.37 26.39 24.75
CA VAL A 284 21.04 25.00 25.01
C VAL A 284 21.99 24.49 26.08
N LYS A 285 21.64 23.33 26.64
CA LYS A 285 22.36 22.74 27.76
C LYS A 285 22.59 21.26 27.45
N LEU A 286 23.85 20.88 27.29
CA LEU A 286 24.19 19.53 26.86
C LEU A 286 24.70 18.72 28.04
N ILE A 287 24.16 17.51 28.20
CA ILE A 287 24.54 16.61 29.26
C ILE A 287 24.98 15.31 28.61
N ILE A 288 26.30 15.11 28.52
CA ILE A 288 26.89 13.88 28.04
C ILE A 288 27.43 13.13 29.25
N GLY A 289 26.92 11.92 29.49
CA GLY A 289 27.30 11.18 30.68
C GLY A 289 27.06 11.99 31.94
N ASP A 290 28.13 12.18 32.72
CA ASP A 290 28.10 12.98 33.94
C ASP A 290 28.72 14.36 33.76
N LYS A 291 28.69 14.89 32.53
CA LYS A 291 29.27 16.18 32.19
C LYS A 291 28.18 17.12 31.69
N GLU A 292 28.40 18.41 31.91
CA GLU A 292 27.44 19.45 31.53
C GLU A 292 28.13 20.53 30.72
N ILE A 293 27.57 20.83 29.54
CA ILE A 293 28.10 21.82 28.60
C ILE A 293 27.02 22.85 28.30
N TYR A 294 27.50 24.07 28.03
CA TYR A 294 26.75 25.32 27.90
C TYR A 294 27.10 26.00 26.59
N GLY A 295 26.11 26.53 25.88
CA GLY A 295 26.39 27.22 24.64
C GLY A 295 25.13 27.45 23.83
N ILE A 296 25.33 27.95 22.61
CA ILE A 296 24.26 28.18 21.64
C ILE A 296 24.34 27.10 20.58
N SER A 297 23.21 26.43 20.31
CA SER A 297 23.14 25.45 19.25
C SER A 297 23.10 26.15 17.89
N ARG A 298 23.77 25.55 16.90
CA ARG A 298 23.79 26.06 15.53
C ARG A 298 23.27 25.03 14.55
N GLY A 299 22.42 24.12 15.01
CA GLY A 299 21.87 23.11 14.14
C GLY A 299 22.70 21.85 14.13
N ILE A 300 22.78 21.19 12.98
CA ILE A 300 23.57 19.97 12.83
C ILE A 300 24.51 20.14 11.64
N ASP A 301 25.55 19.30 11.62
CA ASP A 301 26.42 19.20 10.47
C ASP A 301 25.93 18.07 9.58
N ALA A 302 26.71 17.71 8.55
CA ALA A 302 26.26 16.69 7.61
C ALA A 302 26.21 15.30 8.23
N GLN A 303 26.74 15.17 9.43
CA GLN A 303 26.79 13.83 10.09
C GLN A 303 25.75 13.76 11.20
N GLY A 304 24.84 14.74 11.26
CA GLY A 304 23.79 14.75 12.26
C GLY A 304 24.24 15.13 13.65
N ALA A 305 25.46 15.60 13.83
CA ALA A 305 25.97 15.99 15.14
C ALA A 305 25.57 17.42 15.47
N LEU A 306 25.35 17.68 16.76
CA LEU A 306 24.95 19.00 17.20
C LEU A 306 26.11 19.98 17.10
N LEU A 307 25.81 21.17 16.57
CA LEU A 307 26.79 22.25 16.47
C LEU A 307 26.60 23.22 17.63
N LEU A 308 27.53 23.18 18.58
CA LEU A 308 27.46 23.99 19.79
C LEU A 308 28.51 25.10 19.71
N GLU A 309 28.05 26.34 19.68
CA GLU A 309 28.93 27.49 19.65
C GLU A 309 29.25 27.93 21.08
N GLN A 310 30.53 28.04 21.39
CA GLN A 310 30.99 28.53 22.69
C GLN A 310 32.11 29.54 22.44
N ASP A 311 31.85 30.81 22.75
CA ASP A 311 32.81 31.89 22.55
C ASP A 311 33.24 31.99 21.09
N GLY A 312 32.30 31.73 20.17
CA GLY A 312 32.56 31.81 18.75
C GLY A 312 33.08 30.56 18.09
N VAL A 313 33.53 29.56 18.84
CA VAL A 313 34.00 28.31 18.25
C VAL A 313 32.82 27.33 18.18
N ILE A 314 32.50 26.90 16.96
CA ILE A 314 31.38 25.99 16.72
C ILE A 314 31.98 24.63 16.38
N LYS A 315 31.96 23.71 17.35
CA LYS A 315 32.48 22.36 17.17
C LYS A 315 31.41 21.36 17.58
N ALA A 316 31.41 20.21 16.91
CA ALA A 316 30.30 19.25 16.96
C ALA A 316 30.41 18.27 18.13
N TRP A 317 29.24 17.85 18.61
CA TRP A 317 29.08 16.85 19.66
C TRP A 317 28.13 15.76 19.15
N VAL A 318 28.45 14.50 19.45
CA VAL A 318 27.73 13.37 18.88
C VAL A 318 26.75 12.70 19.84
N GLY A 319 26.81 13.00 21.14
CA GLY A 319 25.93 12.34 22.08
C GLY A 319 25.58 13.21 23.26
N GLY A 320 24.57 12.77 24.00
CA GLY A 320 24.05 13.51 25.12
C GLY A 320 22.64 13.99 24.86
N GLU A 321 22.17 14.88 25.74
CA GLU A 321 20.80 15.43 25.60
C GLU A 321 20.86 16.96 25.73
N ILE A 322 20.05 17.66 24.94
CA ILE A 322 20.09 19.15 24.95
C ILE A 322 18.97 19.68 25.84
N SER A 323 19.06 20.95 26.25
CA SER A 323 18.04 21.56 27.14
C SER A 323 18.07 23.08 26.98
N LEU A 324 16.91 23.72 26.79
CA LEU A 324 16.87 25.19 26.68
C LEU A 324 17.46 25.81 27.96
N ARG A 325 17.89 27.07 27.88
CA ARG A 325 18.47 27.76 29.06
C ARG A 325 18.25 29.27 28.90
N ASP B 11 -3.28 -12.70 25.55
CA ASP B 11 -4.34 -12.41 24.55
C ASP B 11 -5.39 -11.48 25.18
N HIS B 12 -5.79 -10.47 24.41
CA HIS B 12 -6.56 -9.33 24.89
C HIS B 12 -7.84 -9.08 24.10
N THR B 13 -8.30 -10.07 23.33
CA THR B 13 -9.47 -9.86 22.47
C THR B 13 -10.70 -9.50 23.27
N ILE B 14 -10.97 -10.22 24.36
CA ILE B 14 -12.21 -9.99 25.13
C ILE B 14 -12.29 -8.57 25.67
N PRO B 15 -11.29 -8.03 26.36
CA PRO B 15 -11.38 -6.62 26.77
C PRO B 15 -11.47 -5.66 25.58
N LEU B 16 -10.79 -5.96 24.47
CA LEU B 16 -10.89 -5.10 23.29
C LEU B 16 -12.26 -5.22 22.63
N THR B 17 -12.77 -6.45 22.49
CA THR B 17 -14.11 -6.62 21.93
C THR B 17 -15.16 -5.98 22.84
N LEU B 18 -14.86 -5.84 24.13
CA LEU B 18 -15.75 -5.13 25.04
C LEU B 18 -15.87 -3.67 24.65
N ILE B 19 -14.74 -3.02 24.34
CA ILE B 19 -14.76 -1.60 23.99
C ILE B 19 -15.55 -1.37 22.71
N SER B 20 -15.44 -2.29 21.75
CA SER B 20 -16.21 -2.17 20.51
C SER B 20 -17.71 -2.23 20.79
N ILE B 21 -18.13 -3.10 21.71
CA ILE B 21 -19.54 -3.18 22.07
C ILE B 21 -20.01 -1.86 22.66
N LEU B 22 -19.21 -1.27 23.56
CA LEU B 22 -19.60 -0.02 24.21
C LEU B 22 -19.52 1.18 23.28
N ALA B 23 -19.00 1.00 22.05
CA ALA B 23 -18.87 2.11 21.11
C ALA B 23 -20.21 2.70 20.70
N ASP B 24 -21.33 2.08 21.06
CA ASP B 24 -22.63 2.72 20.85
C ASP B 24 -22.73 4.02 21.62
N GLY B 25 -22.01 4.13 22.72
CA GLY B 25 -22.31 5.13 23.72
C GLY B 25 -23.51 4.76 24.57
N GLU B 26 -24.08 3.57 24.38
CA GLU B 26 -25.26 3.14 25.10
C GLU B 26 -24.86 2.37 26.35
N PHE B 27 -25.85 1.94 27.13
CA PHE B 27 -25.65 1.19 28.36
C PHE B 27 -25.77 -0.29 28.08
N HIS B 28 -24.95 -1.09 28.76
CA HIS B 28 -25.00 -2.54 28.63
C HIS B 28 -24.89 -3.16 30.02
N SER B 29 -25.95 -3.86 30.43
CA SER B 29 -25.96 -4.52 31.72
C SER B 29 -24.99 -5.70 31.73
N GLY B 30 -24.78 -6.25 32.93
CA GLY B 30 -23.90 -7.40 33.06
C GLY B 30 -24.37 -8.58 32.21
N GLU B 31 -25.68 -8.87 32.26
CA GLU B 31 -26.20 -9.99 31.49
C GLU B 31 -26.03 -9.75 29.99
N GLN B 32 -26.26 -8.52 29.53
CA GLN B 32 -26.20 -8.25 28.10
C GLN B 32 -24.81 -8.51 27.56
N LEU B 33 -23.78 -8.07 28.28
CA LEU B 33 -22.41 -8.38 27.91
C LEU B 33 -22.13 -9.87 28.08
N GLY B 34 -22.62 -10.47 29.18
CA GLY B 34 -22.47 -11.89 29.36
C GLY B 34 -23.22 -12.72 28.33
N GLU B 35 -24.28 -12.16 27.76
CA GLU B 35 -24.99 -12.81 26.67
C GLU B 35 -24.15 -12.80 25.39
N GLN B 36 -23.72 -11.61 24.96
CA GLN B 36 -23.03 -11.47 23.69
C GLN B 36 -21.72 -12.27 23.67
N LEU B 37 -20.91 -12.13 24.71
CA LEU B 37 -19.63 -12.83 24.77
C LEU B 37 -19.76 -14.25 25.30
N GLY B 38 -20.90 -14.63 25.84
CA GLY B 38 -21.11 -15.96 26.36
C GLY B 38 -20.24 -16.28 27.56
N MET B 39 -20.37 -15.46 28.61
CA MET B 39 -19.66 -15.68 29.85
C MET B 39 -20.53 -15.19 30.99
N SER B 40 -20.07 -15.43 32.22
CA SER B 40 -20.77 -14.88 33.36
C SER B 40 -20.49 -13.39 33.47
N ARG B 41 -21.41 -12.66 34.10
CA ARG B 41 -21.19 -11.25 34.31
C ARG B 41 -20.06 -11.00 35.31
N ALA B 42 -19.78 -11.98 36.18
CA ALA B 42 -18.60 -11.89 37.03
C ALA B 42 -17.33 -12.02 36.21
N ALA B 43 -17.30 -12.96 35.26
CA ALA B 43 -16.18 -13.01 34.31
C ALA B 43 -16.11 -11.74 33.50
N ILE B 44 -17.27 -11.20 33.09
CA ILE B 44 -17.33 -9.92 32.40
C ILE B 44 -16.77 -8.82 33.30
N ASN B 45 -17.19 -8.81 34.58
CA ASN B 45 -16.75 -7.76 35.50
C ASN B 45 -15.24 -7.71 35.62
N LYS B 46 -14.59 -8.88 35.58
CA LYS B 46 -13.13 -8.91 35.57
C LYS B 46 -12.60 -8.08 34.39
N HIS B 47 -13.29 -8.15 33.24
CA HIS B 47 -12.82 -7.47 32.05
C HIS B 47 -13.08 -5.94 32.08
N ILE B 48 -14.23 -5.44 32.56
CA ILE B 48 -14.33 -4.00 32.77
C ILE B 48 -13.29 -3.50 33.76
N GLN B 49 -12.82 -4.37 34.66
CA GLN B 49 -11.70 -3.94 35.49
C GLN B 49 -10.47 -3.67 34.63
N THR B 50 -10.08 -4.64 33.81
CA THR B 50 -8.90 -4.46 32.96
C THR B 50 -9.06 -3.26 32.04
N LEU B 51 -10.29 -2.93 31.67
CA LEU B 51 -10.52 -1.72 30.86
C LEU B 51 -10.16 -0.52 31.73
N ARG B 52 -10.76 -0.43 32.92
CA ARG B 52 -10.43 0.66 33.83
C ARG B 52 -8.94 0.66 34.19
N ASP B 53 -8.32 -0.51 34.25
CA ASP B 53 -6.89 -0.59 34.55
C ASP B 53 -6.08 0.12 33.49
N TRP B 54 -6.46 -0.03 32.21
CA TRP B 54 -5.76 0.64 31.12
C TRP B 54 -5.99 2.15 31.10
N GLY B 55 -6.91 2.66 31.90
CA GLY B 55 -7.27 4.06 31.85
C GLY B 55 -8.54 4.35 31.08
N VAL B 56 -9.21 3.33 30.58
CA VAL B 56 -10.45 3.52 29.83
C VAL B 56 -11.51 4.04 30.79
N ASP B 57 -12.07 5.20 30.47
CA ASP B 57 -13.07 5.85 31.31
C ASP B 57 -14.42 5.17 31.04
N VAL B 58 -14.62 4.03 31.69
CA VAL B 58 -15.88 3.32 31.63
C VAL B 58 -16.77 3.89 32.72
N PHE B 59 -17.90 4.46 32.31
CA PHE B 59 -18.80 5.17 33.22
C PHE B 59 -19.92 4.21 33.61
N THR B 60 -20.03 3.93 34.90
CA THR B 60 -20.99 2.96 35.42
C THR B 60 -22.01 3.67 36.29
N VAL B 61 -23.28 3.56 35.92
CA VAL B 61 -24.37 4.08 36.74
C VAL B 61 -25.09 2.84 37.28
N PRO B 62 -25.53 2.85 38.55
CA PRO B 62 -26.01 1.61 39.18
C PRO B 62 -27.09 0.84 38.42
N GLY B 63 -28.23 1.46 38.17
CA GLY B 63 -29.33 0.74 37.57
C GLY B 63 -29.08 0.31 36.15
N LYS B 64 -28.51 1.20 35.33
CA LYS B 64 -28.45 0.99 33.89
C LYS B 64 -27.26 0.14 33.46
N GLY B 65 -26.09 0.32 34.07
CA GLY B 65 -24.96 -0.53 33.72
C GLY B 65 -23.69 0.17 33.28
N TYR B 66 -23.00 -0.42 32.31
CA TYR B 66 -21.71 0.08 31.82
C TYR B 66 -21.91 0.87 30.53
N SER B 67 -21.04 1.86 30.31
CA SER B 67 -21.11 2.64 29.09
C SER B 67 -19.82 3.42 28.89
N LEU B 68 -19.62 3.90 27.67
CA LEU B 68 -18.60 4.89 27.37
C LEU B 68 -19.31 6.19 27.03
N PRO B 69 -19.05 7.31 27.73
CA PRO B 69 -19.77 8.55 27.43
C PRO B 69 -19.60 8.96 25.98
N GLU B 70 -18.35 9.18 25.56
CA GLU B 70 -18.10 9.29 24.14
C GLU B 70 -17.42 8.02 23.68
N PRO B 71 -17.89 7.43 22.58
CA PRO B 71 -17.25 6.22 22.05
C PRO B 71 -15.79 6.48 21.69
N ILE B 72 -14.99 5.42 21.73
CA ILE B 72 -13.58 5.49 21.45
C ILE B 72 -13.38 4.91 20.06
N HIS B 73 -12.44 5.48 19.31
CA HIS B 73 -12.06 4.95 18.02
C HIS B 73 -10.79 4.12 18.21
N LEU B 74 -10.83 2.87 17.76
CA LEU B 74 -9.72 1.95 17.97
C LEU B 74 -8.92 1.83 16.68
N LEU B 75 -7.64 1.49 16.83
CA LEU B 75 -6.81 1.24 15.67
C LEU B 75 -7.27 -0.05 14.99
N ASP B 76 -7.55 0.06 13.70
CA ASP B 76 -7.97 -1.08 12.88
C ASP B 76 -7.05 -1.18 11.68
N GLU B 77 -6.55 -2.39 11.43
CA GLU B 77 -5.72 -2.62 10.24
C GLU B 77 -6.46 -2.19 8.99
N LYS B 78 -7.74 -2.57 8.88
CA LYS B 78 -8.50 -2.29 7.68
C LYS B 78 -8.69 -0.78 7.50
N LYS B 79 -9.04 -0.08 8.58
CA LYS B 79 -9.16 1.38 8.50
C LYS B 79 -7.83 2.02 8.14
N ILE B 80 -6.75 1.58 8.77
CA ILE B 80 -5.44 2.16 8.52
C ILE B 80 -5.00 1.89 7.08
N SER B 81 -5.04 0.62 6.67
CA SER B 81 -4.50 0.22 5.37
C SER B 81 -5.25 0.91 4.22
N GLN B 82 -6.50 1.26 4.43
CA GLN B 82 -7.25 1.97 3.37
C GLN B 82 -6.50 3.27 3.03
N GLU B 83 -6.03 4.00 4.05
CA GLU B 83 -5.42 5.29 3.80
C GLU B 83 -4.02 5.18 3.19
N ILE B 84 -3.28 4.10 3.44
CA ILE B 84 -1.96 3.99 2.80
C ILE B 84 -2.10 3.62 1.33
N ASP B 85 -3.01 2.70 1.02
CA ASP B 85 -3.05 2.11 -0.32
C ASP B 85 -4.14 2.67 -1.21
N HIS B 86 -5.19 3.26 -0.64
CA HIS B 86 -6.35 3.71 -1.41
C HIS B 86 -6.96 2.54 -2.19
N GLY B 87 -7.43 1.55 -1.43
CA GLY B 87 -8.07 0.38 -2.01
C GLY B 87 -7.38 -0.92 -1.64
N ARG B 88 -8.11 -2.03 -1.70
CA ARG B 88 -7.57 -3.34 -1.36
C ARG B 88 -7.22 -4.12 -2.63
N VAL B 89 -6.60 -5.27 -2.43
CA VAL B 89 -6.24 -6.17 -3.52
C VAL B 89 -6.62 -7.59 -3.12
N THR B 90 -7.51 -8.20 -3.90
CA THR B 90 -7.84 -9.61 -3.76
C THR B 90 -7.25 -10.36 -4.94
N VAL B 91 -6.42 -11.36 -4.67
CA VAL B 91 -5.73 -12.11 -5.70
C VAL B 91 -6.31 -13.51 -5.74
N LEU B 92 -6.93 -13.87 -6.87
CA LEU B 92 -7.52 -15.19 -7.09
C LEU B 92 -6.92 -15.75 -8.37
N PRO B 93 -5.83 -16.50 -8.28
CA PRO B 93 -5.14 -16.96 -9.50
C PRO B 93 -6.05 -17.63 -10.51
N VAL B 94 -7.06 -18.35 -10.05
CA VAL B 94 -8.12 -18.88 -10.90
C VAL B 94 -9.41 -18.17 -10.54
N ILE B 95 -10.11 -17.65 -11.54
CA ILE B 95 -11.31 -16.86 -11.35
C ILE B 95 -12.19 -17.03 -12.60
N ASP B 96 -13.45 -16.61 -12.49
CA ASP B 96 -14.30 -16.59 -13.67
C ASP B 96 -14.04 -15.35 -14.51
N SER B 97 -14.12 -14.18 -13.89
CA SER B 97 -13.78 -12.92 -14.55
C SER B 97 -13.44 -11.92 -13.47
N THR B 98 -12.21 -11.37 -13.52
CA THR B 98 -11.84 -10.33 -12.57
C THR B 98 -12.82 -9.17 -12.61
N ASN B 99 -13.30 -8.84 -13.81
CA ASN B 99 -14.30 -7.75 -13.92
C ASN B 99 -15.57 -8.18 -13.17
N GLN B 100 -16.01 -9.42 -13.36
CA GLN B 100 -17.26 -9.86 -12.74
C GLN B 100 -17.13 -9.89 -11.23
N TYR B 101 -15.97 -10.30 -10.71
CA TYR B 101 -15.77 -10.34 -9.26
C TYR B 101 -16.05 -8.97 -8.64
N LEU B 102 -15.51 -7.91 -9.25
CA LEU B 102 -15.77 -6.57 -8.74
C LEU B 102 -17.22 -6.16 -8.95
N LEU B 103 -17.76 -6.41 -10.15
CA LEU B 103 -19.13 -6.02 -10.44
C LEU B 103 -20.12 -6.67 -9.49
N ASP B 104 -19.85 -7.90 -9.05
CA ASP B 104 -20.71 -8.57 -8.08
C ASP B 104 -20.57 -7.99 -6.67
N ARG B 105 -19.78 -6.93 -6.50
CA ARG B 105 -19.52 -6.41 -5.16
C ARG B 105 -19.52 -4.87 -5.10
N LEU B 106 -20.15 -4.20 -6.07
CA LEU B 106 -20.10 -2.74 -6.12
C LEU B 106 -20.55 -2.11 -4.80
N ASP B 107 -21.45 -2.78 -4.07
CA ASP B 107 -22.00 -2.20 -2.85
C ASP B 107 -20.93 -2.08 -1.77
N GLU B 108 -19.98 -3.00 -1.70
CA GLU B 108 -18.92 -2.98 -0.71
C GLU B 108 -17.55 -2.72 -1.32
N LEU B 109 -17.52 -1.99 -2.43
CA LEU B 109 -16.26 -1.57 -3.06
C LEU B 109 -16.00 -0.09 -2.85
N THR B 110 -14.72 0.25 -2.73
CA THR B 110 -14.27 1.62 -2.61
C THR B 110 -13.24 1.88 -3.70
N SER B 111 -13.15 3.13 -4.13
CA SER B 111 -12.28 3.49 -5.26
C SER B 111 -10.85 3.01 -5.02
N GLY B 112 -10.32 2.28 -5.99
CA GLY B 112 -8.99 1.71 -5.90
C GLY B 112 -8.96 0.22 -5.61
N ASP B 113 -10.08 -0.35 -5.15
CA ASP B 113 -10.13 -1.78 -4.92
C ASP B 113 -9.83 -2.54 -6.21
N ALA B 114 -9.00 -3.57 -6.12
CA ALA B 114 -8.50 -4.26 -7.29
C ALA B 114 -8.60 -5.78 -7.11
N CYS B 115 -8.64 -6.48 -8.23
CA CYS B 115 -8.71 -7.94 -8.26
C CYS B 115 -7.77 -8.46 -9.33
N VAL B 116 -6.96 -9.45 -8.98
CA VAL B 116 -5.89 -9.96 -9.84
C VAL B 116 -6.07 -11.46 -10.03
N ALA B 117 -5.79 -11.93 -11.25
CA ALA B 117 -5.90 -13.34 -11.58
C ALA B 117 -4.98 -13.62 -12.77
N GLU B 118 -4.66 -14.91 -12.95
CA GLU B 118 -3.87 -15.33 -14.11
C GLU B 118 -4.56 -16.43 -14.92
N TYR B 119 -5.84 -16.69 -14.66
CA TYR B 119 -6.61 -17.63 -15.46
C TYR B 119 -8.09 -17.30 -15.29
N GLN B 120 -8.76 -16.94 -16.38
CA GLN B 120 -10.17 -16.57 -16.34
C GLN B 120 -10.97 -17.69 -17.00
N GLN B 121 -11.76 -18.40 -16.19
CA GLN B 121 -12.53 -19.53 -16.67
C GLN B 121 -13.77 -19.12 -17.45
N ALA B 122 -14.35 -17.96 -17.15
CA ALA B 122 -15.53 -17.50 -17.86
C ALA B 122 -15.16 -16.56 -19.00
N SER B 133 -7.33 -19.49 -23.53
CA SER B 133 -6.14 -18.87 -22.96
C SER B 133 -5.71 -19.60 -21.70
N PRO B 134 -4.55 -20.27 -21.76
CA PRO B 134 -4.17 -21.21 -20.70
C PRO B 134 -3.72 -20.51 -19.42
N PHE B 135 -3.56 -21.33 -18.38
CA PHE B 135 -3.18 -20.82 -17.07
C PHE B 135 -1.80 -20.17 -17.11
N GLY B 136 -1.69 -19.03 -16.42
CA GLY B 136 -0.43 -18.30 -16.33
C GLY B 136 -0.01 -17.62 -17.61
N ALA B 137 -0.71 -17.83 -18.72
CA ALA B 137 -0.33 -17.16 -19.97
C ALA B 137 -0.62 -15.66 -19.91
N ASN B 138 -1.62 -15.26 -19.14
CA ASN B 138 -2.07 -13.88 -19.11
C ASN B 138 -2.17 -13.38 -17.68
N LEU B 139 -1.98 -12.07 -17.51
CA LEU B 139 -2.25 -11.40 -16.25
C LEU B 139 -3.59 -10.70 -16.38
N TYR B 140 -4.51 -10.99 -15.46
CA TYR B 140 -5.86 -10.45 -15.49
C TYR B 140 -6.05 -9.54 -14.28
N LEU B 141 -6.38 -8.28 -14.54
CA LEU B 141 -6.45 -7.28 -13.49
C LEU B 141 -7.66 -6.37 -13.70
N SER B 142 -8.40 -6.10 -12.62
CA SER B 142 -9.53 -5.18 -12.67
C SER B 142 -9.50 -4.28 -11.44
N MET B 143 -9.97 -3.05 -11.62
CA MET B 143 -10.05 -2.10 -10.52
C MET B 143 -11.36 -1.33 -10.59
N TYR B 144 -11.97 -1.12 -9.43
CA TYR B 144 -13.19 -0.33 -9.30
C TYR B 144 -12.84 1.13 -9.04
N TRP B 145 -13.69 2.02 -9.55
CA TRP B 145 -13.54 3.44 -9.24
C TRP B 145 -14.88 4.15 -9.29
N ARG B 146 -15.11 5.02 -8.31
CA ARG B 146 -16.31 5.84 -8.20
C ARG B 146 -15.93 7.31 -8.37
N LEU B 147 -16.52 7.98 -9.36
CA LEU B 147 -16.36 9.42 -9.52
C LEU B 147 -17.62 10.11 -9.03
N GLU B 148 -17.46 11.06 -8.11
CA GLU B 148 -18.60 11.77 -7.54
C GLU B 148 -19.46 12.40 -8.64
N GLN B 149 -18.83 13.14 -9.54
CA GLN B 149 -19.55 13.59 -10.73
C GLN B 149 -20.05 12.38 -11.52
N GLY B 150 -21.18 12.55 -12.19
CA GLY B 150 -21.84 11.48 -12.90
C GLY B 150 -21.00 10.87 -14.01
N PRO B 151 -21.62 9.98 -14.80
CA PRO B 151 -20.90 9.34 -15.92
C PRO B 151 -20.19 10.33 -16.83
N ALA B 152 -20.65 11.59 -16.85
CA ALA B 152 -20.04 12.60 -17.70
C ALA B 152 -18.57 12.83 -17.35
N ALA B 153 -18.14 12.50 -16.14
CA ALA B 153 -16.76 12.69 -15.73
C ALA B 153 -15.84 11.56 -16.19
N ALA B 154 -16.39 10.54 -16.84
CA ALA B 154 -15.65 9.37 -17.29
C ALA B 154 -15.41 9.40 -18.80
N ILE B 155 -15.12 10.59 -19.33
CA ILE B 155 -15.05 10.79 -20.78
C ILE B 155 -14.02 9.85 -21.40
N GLY B 156 -12.77 9.96 -20.96
CA GLY B 156 -11.67 9.21 -21.55
C GLY B 156 -11.14 8.09 -20.68
N LEU B 157 -11.99 7.53 -19.82
CA LEU B 157 -11.54 6.53 -18.84
C LEU B 157 -10.77 5.39 -19.50
N SER B 158 -11.32 4.82 -20.58
CA SER B 158 -10.62 3.73 -21.26
C SER B 158 -9.29 4.18 -21.81
N LEU B 159 -9.21 5.42 -22.31
CA LEU B 159 -7.93 5.98 -22.71
C LEU B 159 -6.97 6.05 -21.53
N VAL B 160 -7.45 6.56 -20.39
CA VAL B 160 -6.61 6.71 -19.21
C VAL B 160 -6.03 5.36 -18.78
N ILE B 161 -6.87 4.32 -18.77
CA ILE B 161 -6.38 2.97 -18.48
C ILE B 161 -5.30 2.58 -19.47
N GLY B 162 -5.52 2.87 -20.75
CA GLY B 162 -4.53 2.52 -21.76
C GLY B 162 -3.21 3.25 -21.57
N ILE B 163 -3.28 4.54 -21.30
CA ILE B 163 -2.06 5.33 -21.10
C ILE B 163 -1.27 4.79 -19.92
N VAL B 164 -1.95 4.56 -18.79
CA VAL B 164 -1.26 4.16 -17.57
C VAL B 164 -0.59 2.80 -17.75
N ILE B 165 -1.31 1.83 -18.30
CA ILE B 165 -0.75 0.49 -18.47
C ILE B 165 0.42 0.52 -19.44
N ALA B 166 0.25 1.23 -20.57
CA ALA B 166 1.32 1.32 -21.55
C ALA B 166 2.56 1.97 -20.95
N GLU B 167 2.37 3.06 -20.20
CA GLU B 167 3.51 3.73 -19.57
C GLU B 167 4.23 2.81 -18.61
N VAL B 168 3.48 2.04 -17.81
CA VAL B 168 4.10 1.10 -16.87
C VAL B 168 4.93 0.07 -17.61
N LEU B 169 4.39 -0.46 -18.72
CA LEU B 169 5.14 -1.43 -19.52
C LEU B 169 6.42 -0.81 -20.08
N GLN B 170 6.36 0.46 -20.47
CA GLN B 170 7.57 1.16 -20.90
C GLN B 170 8.56 1.30 -19.74
N GLN B 171 8.07 1.67 -18.57
CA GLN B 171 8.93 1.79 -17.38
C GLN B 171 9.56 0.47 -16.97
N LEU B 172 9.08 -0.66 -17.50
CA LEU B 172 9.60 -1.97 -17.12
C LEU B 172 10.33 -2.66 -18.27
N GLY B 173 10.68 -1.94 -19.35
CA GLY B 173 11.48 -2.46 -20.43
C GLY B 173 10.76 -2.59 -21.76
N ALA B 174 9.45 -2.83 -21.73
CA ALA B 174 8.68 -2.88 -22.98
C ALA B 174 8.49 -1.47 -23.53
N GLU B 175 9.57 -0.87 -24.02
CA GLU B 175 9.56 0.54 -24.41
C GLU B 175 8.88 0.79 -25.75
N GLN B 176 8.55 -0.26 -26.50
CA GLN B 176 7.91 -0.11 -27.80
C GLN B 176 6.41 -0.36 -27.74
N VAL B 177 5.85 -0.41 -26.54
CA VAL B 177 4.42 -0.64 -26.38
C VAL B 177 3.67 0.64 -26.74
N ARG B 178 2.57 0.47 -27.47
CA ARG B 178 1.73 1.58 -27.94
C ARG B 178 0.28 1.29 -27.56
N VAL B 179 -0.60 2.23 -27.88
CA VAL B 179 -2.03 2.09 -27.59
C VAL B 179 -2.83 2.27 -28.87
N LYS B 180 -3.89 1.48 -29.00
CA LYS B 180 -4.85 1.61 -30.08
C LYS B 180 -6.13 2.18 -29.49
N TRP B 181 -6.64 3.24 -30.12
CA TRP B 181 -7.85 3.89 -29.63
C TRP B 181 -9.03 2.93 -29.69
N PRO B 182 -9.84 2.85 -28.63
CA PRO B 182 -9.70 3.52 -27.34
C PRO B 182 -9.40 2.56 -26.19
N ASN B 183 -9.33 1.25 -26.45
CA ASN B 183 -9.35 0.27 -25.36
C ASN B 183 -8.37 -0.88 -25.58
N ASP B 184 -7.28 -0.64 -26.29
CA ASP B 184 -6.34 -1.72 -26.57
C ASP B 184 -4.91 -1.23 -26.44
N ILE B 185 -4.04 -2.10 -25.91
CA ILE B 185 -2.60 -1.87 -25.86
C ILE B 185 -1.96 -2.70 -26.96
N TYR B 186 -1.15 -2.06 -27.81
CA TYR B 186 -0.59 -2.72 -28.96
C TYR B 186 0.94 -2.72 -28.90
N LEU B 187 1.53 -3.78 -29.43
CA LEU B 187 2.98 -3.93 -29.53
C LEU B 187 3.28 -4.62 -30.84
N GLN B 188 4.09 -3.97 -31.68
CA GLN B 188 4.40 -4.46 -33.03
C GLN B 188 3.11 -4.73 -33.83
N ASP B 189 2.25 -3.73 -33.87
CA ASP B 189 0.98 -3.77 -34.61
C ASP B 189 0.14 -5.00 -34.28
N ARG B 190 0.23 -5.48 -33.04
CA ARG B 190 -0.55 -6.64 -32.63
C ARG B 190 -1.06 -6.40 -31.21
N LYS B 191 -2.25 -6.95 -30.93
CA LYS B 191 -2.93 -6.73 -29.66
C LYS B 191 -2.15 -7.43 -28.55
N LEU B 192 -1.56 -6.63 -27.66
CA LEU B 192 -0.88 -7.18 -26.48
C LEU B 192 -1.81 -7.29 -25.28
N SER B 193 -2.77 -6.38 -25.15
CA SER B 193 -3.72 -6.42 -24.05
C SER B 193 -5.02 -5.76 -24.48
N GLY B 194 -6.12 -6.27 -23.93
CA GLY B 194 -7.45 -5.70 -24.17
C GLY B 194 -7.99 -5.07 -22.90
N ILE B 195 -8.63 -3.92 -23.07
CA ILE B 195 -9.24 -3.18 -21.96
C ILE B 195 -10.75 -3.30 -22.09
N LEU B 196 -11.42 -3.51 -20.96
CA LEU B 196 -12.87 -3.64 -20.90
C LEU B 196 -13.37 -2.80 -19.73
N VAL B 197 -13.95 -1.65 -20.05
CA VAL B 197 -14.46 -0.71 -19.05
C VAL B 197 -15.96 -0.84 -18.99
N GLU B 198 -16.49 -1.03 -17.79
CA GLU B 198 -17.93 -1.21 -17.57
C GLU B 198 -18.44 -0.13 -16.63
N LEU B 199 -19.46 0.60 -17.08
CA LEU B 199 -19.95 1.77 -16.35
C LEU B 199 -21.44 1.62 -16.13
N THR B 200 -21.89 1.94 -14.92
CA THR B 200 -23.30 2.06 -14.60
C THR B 200 -23.50 3.45 -14.03
N GLY B 201 -24.52 4.16 -14.52
CA GLY B 201 -24.70 5.55 -14.17
C GLY B 201 -26.16 5.87 -13.89
N LYS B 202 -26.34 6.93 -13.11
CA LYS B 202 -27.63 7.46 -12.74
C LYS B 202 -27.43 8.94 -12.41
N THR B 203 -28.34 9.79 -12.87
CA THR B 203 -28.18 11.23 -12.67
C THR B 203 -28.11 11.58 -11.20
N GLY B 204 -27.17 12.44 -10.85
CA GLY B 204 -26.97 12.84 -9.47
C GLY B 204 -26.01 11.93 -8.74
N ASP B 205 -26.36 10.65 -8.67
CA ASP B 205 -25.48 9.66 -8.06
C ASP B 205 -24.16 9.59 -8.80
N ALA B 206 -23.17 8.99 -8.13
CA ALA B 206 -21.86 8.84 -8.73
C ALA B 206 -21.88 7.74 -9.80
N ALA B 207 -20.80 7.67 -10.56
CA ALA B 207 -20.63 6.65 -11.58
C ALA B 207 -19.74 5.55 -11.02
N GLN B 208 -20.19 4.31 -11.13
CA GLN B 208 -19.45 3.15 -10.66
C GLN B 208 -18.90 2.40 -11.86
N ILE B 209 -17.59 2.26 -11.92
CA ILE B 209 -16.90 1.63 -13.04
C ILE B 209 -16.01 0.53 -12.53
N VAL B 210 -16.09 -0.63 -13.16
CA VAL B 210 -15.12 -1.69 -12.99
C VAL B 210 -14.37 -1.77 -14.31
N SER B 211 -13.14 -1.27 -14.30
CA SER B 211 -12.28 -1.28 -15.47
C SER B 211 -11.28 -2.41 -15.32
N GLY B 212 -11.10 -3.20 -16.37
CA GLY B 212 -10.21 -4.35 -16.31
C GLY B 212 -9.44 -4.52 -17.59
N ALA B 213 -8.38 -5.32 -17.49
CA ALA B 213 -7.51 -5.59 -18.63
C ALA B 213 -6.89 -6.97 -18.48
N GLY B 214 -6.49 -7.53 -19.61
CA GLY B 214 -5.76 -8.78 -19.63
C GLY B 214 -4.55 -8.68 -20.53
N ILE B 215 -3.36 -8.93 -19.98
CA ILE B 215 -2.11 -8.74 -20.69
C ILE B 215 -1.53 -10.10 -21.04
N ASN B 216 -1.18 -10.27 -22.32
CA ASN B 216 -0.57 -11.52 -22.79
C ASN B 216 0.88 -11.54 -22.33
N LEU B 217 1.19 -12.42 -21.39
CA LEU B 217 2.53 -12.47 -20.81
C LEU B 217 3.45 -13.44 -21.55
N VAL B 218 2.93 -14.64 -21.84
CA VAL B 218 3.78 -15.67 -22.48
C VAL B 218 3.03 -16.25 -23.67
N MET B 219 3.71 -17.07 -24.46
CA MET B 219 3.09 -17.71 -25.61
C MET B 219 2.52 -19.07 -25.22
N GLN B 229 -0.75 -15.01 -36.67
CA GLN B 229 -0.50 -13.68 -36.11
C GLN B 229 -1.70 -13.18 -35.33
N GLY B 230 -1.85 -11.85 -35.27
CA GLY B 230 -2.95 -11.24 -34.55
C GLY B 230 -2.64 -10.83 -33.13
N TRP B 231 -2.32 -11.78 -32.26
CA TRP B 231 -2.04 -11.51 -30.86
C TRP B 231 -0.54 -11.62 -30.59
N ILE B 232 -0.06 -10.85 -29.61
CA ILE B 232 1.34 -10.84 -29.24
C ILE B 232 1.44 -10.89 -27.72
N SER B 233 2.53 -11.47 -27.22
CA SER B 233 2.80 -11.62 -25.80
C SER B 233 4.08 -10.88 -25.44
N LEU B 234 4.22 -10.57 -24.15
CA LEU B 234 5.43 -9.89 -23.68
C LEU B 234 6.66 -10.74 -23.95
N GLN B 235 6.55 -12.06 -23.72
CA GLN B 235 7.67 -12.94 -23.98
C GLN B 235 8.01 -13.01 -25.47
N GLU B 236 6.98 -12.98 -26.33
CA GLU B 236 7.21 -12.97 -27.77
C GLU B 236 7.95 -11.71 -28.20
N ALA B 237 7.76 -10.61 -27.48
CA ALA B 237 8.42 -9.34 -27.77
C ALA B 237 9.80 -9.24 -27.12
N GLY B 238 10.28 -10.31 -26.50
CA GLY B 238 11.58 -10.28 -25.85
C GLY B 238 11.64 -9.42 -24.61
N VAL B 239 10.52 -9.25 -23.93
CA VAL B 239 10.45 -8.48 -22.69
C VAL B 239 10.04 -9.43 -21.58
N VAL B 240 10.85 -9.48 -20.52
CA VAL B 240 10.56 -10.34 -19.37
C VAL B 240 10.20 -9.45 -18.19
N ILE B 241 9.03 -9.70 -17.60
CA ILE B 241 8.58 -8.91 -16.42
C ILE B 241 7.87 -9.86 -15.46
N ASP B 242 8.35 -9.94 -14.21
CA ASP B 242 7.70 -10.77 -13.22
C ASP B 242 6.25 -10.33 -13.06
N ARG B 243 5.32 -11.30 -13.11
CA ARG B 243 3.90 -10.95 -13.12
C ARG B 243 3.49 -10.27 -11.82
N ASN B 244 4.02 -10.72 -10.68
CA ASN B 244 3.72 -10.08 -9.41
C ASN B 244 4.22 -8.64 -9.40
N LEU B 245 5.41 -8.40 -9.95
CA LEU B 245 5.92 -7.04 -10.05
C LEU B 245 5.09 -6.22 -11.02
N LEU B 246 4.75 -6.79 -12.19
CA LEU B 246 3.94 -6.07 -13.16
C LEU B 246 2.58 -5.72 -12.58
N ALA B 247 1.94 -6.66 -11.89
CA ALA B 247 0.62 -6.39 -11.32
C ALA B 247 0.69 -5.24 -10.31
N ALA B 248 1.65 -5.31 -9.38
CA ALA B 248 1.73 -4.32 -8.31
C ALA B 248 1.91 -2.90 -8.86
N ARG B 249 2.83 -2.74 -9.82
CA ARG B 249 3.07 -1.42 -10.39
C ARG B 249 1.80 -0.87 -11.04
N LEU B 250 1.03 -1.74 -11.71
CA LEU B 250 -0.20 -1.32 -12.35
C LEU B 250 -1.20 -0.75 -11.35
N ILE B 251 -1.37 -1.42 -10.22
CA ILE B 251 -2.39 -0.95 -9.24
C ILE B 251 -1.98 0.44 -8.75
N LYS B 252 -0.69 0.65 -8.44
CA LYS B 252 -0.22 1.97 -8.02
C LYS B 252 -0.50 3.01 -9.08
N GLU B 253 0.01 2.80 -10.30
CA GLU B 253 -0.13 3.81 -11.34
C GLU B 253 -1.59 3.98 -11.78
N LEU B 254 -2.35 2.89 -11.82
CA LEU B 254 -3.76 3.01 -12.17
C LEU B 254 -4.53 3.76 -11.08
N ARG B 255 -4.24 3.46 -9.80
CA ARG B 255 -4.84 4.23 -8.73
C ARG B 255 -4.47 5.71 -8.85
N LEU B 256 -3.18 5.98 -9.02
CA LEU B 256 -2.71 7.37 -9.17
C LEU B 256 -3.31 8.02 -10.41
N GLY B 257 -3.35 7.28 -11.52
CA GLY B 257 -3.89 7.85 -12.74
C GLY B 257 -5.36 8.22 -12.64
N LEU B 258 -6.12 7.47 -11.84
CA LEU B 258 -7.54 7.74 -11.72
C LEU B 258 -7.82 8.95 -10.83
N GLU B 259 -7.05 9.13 -9.75
CA GLU B 259 -7.18 10.33 -8.95
C GLU B 259 -6.88 11.57 -9.79
N LEU B 260 -5.83 11.50 -10.61
CA LEU B 260 -5.55 12.57 -11.55
C LEU B 260 -6.73 12.80 -12.48
N PHE B 261 -7.25 11.73 -13.09
CA PHE B 261 -8.42 11.84 -13.95
C PHE B 261 -9.66 12.26 -13.18
N GLU B 262 -9.72 11.93 -11.89
CA GLU B 262 -10.90 12.26 -11.09
C GLU B 262 -10.99 13.76 -10.83
N GLN B 263 -9.87 14.42 -10.60
CA GLN B 263 -9.87 15.84 -10.23
C GLN B 263 -9.37 16.75 -11.35
N GLU B 264 -8.91 16.21 -12.47
CA GLU B 264 -8.43 17.02 -13.58
C GLU B 264 -8.99 16.63 -14.94
N GLY B 265 -9.58 15.44 -15.07
CA GLY B 265 -10.20 15.06 -16.33
C GLY B 265 -9.19 14.51 -17.34
N LEU B 266 -9.64 14.47 -18.59
CA LEU B 266 -8.81 13.96 -19.68
C LEU B 266 -7.66 14.89 -20.05
N ALA B 267 -7.71 16.15 -19.60
CA ALA B 267 -6.76 17.16 -20.07
C ALA B 267 -5.30 16.77 -19.94
N PRO B 268 -4.80 16.29 -18.79
CA PRO B 268 -3.37 15.96 -18.72
C PRO B 268 -2.96 14.78 -19.60
N TYR B 269 -3.89 13.94 -20.03
CA TYR B 269 -3.53 12.73 -20.77
C TYR B 269 -3.49 12.94 -22.28
N LEU B 270 -4.02 14.06 -22.78
CA LEU B 270 -3.94 14.33 -24.22
C LEU B 270 -2.52 14.29 -24.75
N PRO B 271 -1.52 14.96 -24.14
CA PRO B 271 -0.15 14.78 -24.63
C PRO B 271 0.36 13.35 -24.48
N ARG B 272 0.05 12.71 -23.35
CA ARG B 272 0.49 11.34 -23.14
C ARG B 272 -0.15 10.39 -24.15
N TRP B 273 -1.35 10.71 -24.63
CA TRP B 273 -2.00 9.82 -25.60
C TRP B 273 -1.27 9.84 -26.93
N GLU B 274 -0.99 11.04 -27.46
CA GLU B 274 -0.32 11.13 -28.76
C GLU B 274 1.02 10.41 -28.71
N LYS B 275 1.74 10.56 -27.60
CA LYS B 275 3.03 9.89 -27.43
C LYS B 275 2.90 8.37 -27.53
N LEU B 276 1.71 7.83 -27.32
CA LEU B 276 1.50 6.39 -27.37
C LEU B 276 0.55 5.91 -28.46
N ASP B 277 -0.06 6.80 -29.24
CA ASP B 277 -1.00 6.38 -30.26
C ASP B 277 -0.28 5.59 -31.35
N ASN B 278 -0.74 4.36 -31.59
CA ASN B 278 -0.11 3.47 -32.56
C ASN B 278 -0.53 3.77 -33.99
N PHE B 279 -1.72 4.31 -34.20
CA PHE B 279 -2.28 4.44 -35.54
C PHE B 279 -2.38 5.88 -36.01
N ILE B 280 -1.83 6.83 -35.25
CA ILE B 280 -1.91 8.23 -35.66
C ILE B 280 -1.13 8.43 -36.95
N HIS B 281 -1.71 9.20 -37.87
CA HIS B 281 -1.14 9.43 -39.20
C HIS B 281 -1.00 8.12 -39.99
N ARG B 282 -1.96 7.22 -39.85
CA ARG B 282 -1.94 5.95 -40.56
C ARG B 282 -3.32 5.65 -41.12
N PRO B 283 -3.41 4.91 -42.22
CA PRO B 283 -4.72 4.54 -42.77
C PRO B 283 -5.38 3.47 -41.90
N VAL B 284 -6.65 3.69 -41.57
CA VAL B 284 -7.38 2.83 -40.65
C VAL B 284 -8.76 2.51 -41.21
N LYS B 285 -9.41 1.52 -40.60
CA LYS B 285 -10.74 1.06 -40.96
C LYS B 285 -11.56 0.99 -39.70
N LEU B 286 -12.63 1.78 -39.64
CA LEU B 286 -13.46 1.90 -38.46
C LEU B 286 -14.75 1.11 -38.68
N ILE B 287 -15.11 0.27 -37.71
CA ILE B 287 -16.32 -0.53 -37.78
C ILE B 287 -17.14 -0.22 -36.53
N ILE B 288 -18.12 0.67 -36.68
CA ILE B 288 -19.08 0.98 -35.64
C ILE B 288 -20.44 0.41 -36.06
N GLY B 289 -21.00 -0.45 -35.23
CA GLY B 289 -22.22 -1.14 -35.57
C GLY B 289 -22.08 -1.91 -36.88
N ASP B 290 -22.96 -1.63 -37.85
CA ASP B 290 -22.94 -2.28 -39.15
C ASP B 290 -22.40 -1.38 -40.25
N LYS B 291 -21.56 -0.41 -39.90
CA LYS B 291 -21.03 0.54 -40.87
C LYS B 291 -19.52 0.42 -40.96
N GLU B 292 -18.98 0.74 -42.13
CA GLU B 292 -17.55 0.66 -42.39
C GLU B 292 -17.09 1.98 -42.96
N ILE B 293 -16.09 2.59 -42.32
CA ILE B 293 -15.53 3.87 -42.73
C ILE B 293 -14.03 3.71 -42.90
N TYR B 294 -13.47 4.48 -43.83
CA TYR B 294 -12.05 4.41 -44.16
C TYR B 294 -11.46 5.82 -44.05
N GLY B 295 -10.22 5.91 -43.59
CA GLY B 295 -9.58 7.21 -43.50
C GLY B 295 -8.25 7.11 -42.75
N ILE B 296 -7.69 8.28 -42.47
CA ILE B 296 -6.44 8.42 -41.74
C ILE B 296 -6.74 8.88 -40.32
N SER B 297 -6.17 8.19 -39.34
CA SER B 297 -6.30 8.64 -37.96
C SER B 297 -5.42 9.86 -37.71
N ARG B 298 -5.96 10.82 -36.96
CA ARG B 298 -5.22 12.02 -36.59
C ARG B 298 -5.16 12.20 -35.09
N GLY B 299 -5.29 11.11 -34.32
CA GLY B 299 -5.24 11.18 -32.87
C GLY B 299 -6.60 11.33 -32.23
N ILE B 300 -6.67 12.06 -31.13
CA ILE B 300 -7.91 12.32 -30.40
C ILE B 300 -8.05 13.81 -30.17
N ASP B 301 -9.29 14.22 -29.87
CA ASP B 301 -9.55 15.58 -29.42
C ASP B 301 -9.55 15.62 -27.90
N ALA B 302 -9.96 16.76 -27.33
CA ALA B 302 -9.94 16.91 -25.88
C ALA B 302 -10.97 16.03 -25.18
N GLN B 303 -11.84 15.39 -25.96
CA GLN B 303 -12.93 14.57 -25.37
C GLN B 303 -12.63 13.09 -25.59
N GLY B 304 -11.43 12.76 -26.07
CA GLY B 304 -11.06 11.39 -26.29
C GLY B 304 -11.69 10.76 -27.53
N ALA B 305 -12.35 11.54 -28.36
CA ALA B 305 -12.98 11.00 -29.56
C ALA B 305 -11.96 10.90 -30.69
N LEU B 306 -12.16 9.89 -31.54
CA LEU B 306 -11.24 9.66 -32.64
C LEU B 306 -11.40 10.74 -33.71
N LEU B 307 -10.27 11.28 -34.17
CA LEU B 307 -10.24 12.25 -35.25
C LEU B 307 -9.91 11.49 -36.54
N LEU B 308 -10.92 11.30 -37.39
CA LEU B 308 -10.77 10.51 -38.61
C LEU B 308 -10.76 11.45 -39.80
N GLU B 309 -9.63 11.49 -40.51
CA GLU B 309 -9.50 12.29 -41.72
C GLU B 309 -9.88 11.45 -42.93
N GLN B 310 -10.82 11.95 -43.72
CA GLN B 310 -11.23 11.30 -44.97
C GLN B 310 -11.35 12.36 -46.05
N ASP B 311 -10.48 12.28 -47.06
CA ASP B 311 -10.43 13.25 -48.15
C ASP B 311 -10.19 14.67 -47.64
N GLY B 312 -9.42 14.79 -46.55
CA GLY B 312 -9.16 16.07 -45.94
C GLY B 312 -10.23 16.51 -44.96
N VAL B 313 -11.38 15.84 -44.96
CA VAL B 313 -12.47 16.17 -44.04
C VAL B 313 -12.27 15.37 -42.76
N ILE B 314 -12.10 16.08 -41.66
CA ILE B 314 -11.83 15.48 -40.36
C ILE B 314 -13.12 15.53 -39.55
N LYS B 315 -13.70 14.36 -39.30
CA LYS B 315 -14.92 14.26 -38.52
C LYS B 315 -14.65 13.38 -37.31
N ALA B 316 -15.23 13.77 -36.18
CA ALA B 316 -14.93 13.11 -34.92
C ALA B 316 -15.90 11.95 -34.72
N TRP B 317 -15.38 10.86 -34.16
CA TRP B 317 -16.20 9.70 -33.83
C TRP B 317 -15.92 9.32 -32.39
N VAL B 318 -16.97 9.02 -31.63
CA VAL B 318 -16.83 8.75 -30.20
C VAL B 318 -16.91 7.26 -29.87
N GLY B 319 -17.28 6.41 -30.83
CA GLY B 319 -17.39 4.98 -30.58
C GLY B 319 -17.06 4.18 -31.82
N GLY B 320 -16.85 2.89 -31.61
CA GLY B 320 -16.45 1.96 -32.65
C GLY B 320 -15.05 1.41 -32.40
N GLU B 321 -14.57 0.63 -33.37
CA GLU B 321 -13.26 0.00 -33.29
C GLU B 321 -12.48 0.26 -34.57
N ILE B 322 -11.16 0.40 -34.44
CA ILE B 322 -10.28 0.75 -35.54
C ILE B 322 -9.33 -0.41 -35.82
N SER B 323 -8.93 -0.52 -37.08
CA SER B 323 -7.99 -1.53 -37.55
C SER B 323 -7.14 -0.93 -38.65
N LEU B 324 -5.95 -1.50 -38.84
CA LEU B 324 -5.09 -1.02 -39.92
C LEU B 324 -5.65 -1.48 -41.26
N ARG B 325 -5.16 -0.88 -42.33
CA ARG B 325 -5.58 -1.25 -43.68
C ARG B 325 -4.51 -0.87 -44.69
#